data_8X0I
#
_entry.id   8X0I
#
_cell.length_a   54.825
_cell.length_b   67.239
_cell.length_c   88.360
_cell.angle_alpha   90.000
_cell.angle_beta   90.000
_cell.angle_gamma   90.000
#
_symmetry.space_group_name_H-M   'P 21 21 21'
#
loop_
_entity.id
_entity.type
_entity.pdbx_description
1 polymer Glucanase
2 non-polymer '(5R,6R,7R,8S)-7,8-dihydroxy-5-(hydroxymethyl)-5,6,7,8-tetrahydroimidazo[1,2-a]pyridin-6-yl beta-D-glucopyranoside'
3 water water
#
_entity_poly.entity_id   1
_entity_poly.type   'polypeptide(L)'
_entity_poly.pdbx_seq_one_letter_code
;SANNPWTGFQIFLSPYYANEVAAAAKQITDPTLSSKAASVANIPTFTWLDSVAKIPDLGTYLASASALGKSTGTKQLVQI
VIYDLPDRDCAAKASNGEFSIANNGQANYENYIDQIVAQIQQFPDVRVVAVIEPDSLANLVTNLNVQKCANAKTTYLASV
NYALTNLAKVGVYMYMDAGHAGWLGWPANLSPAAQLFTQVWQNAGKSPFIKGLATNVANYNALQAASPDPITQGNPNYDE
IHYINALAPLLQQAGWDATFIVDQGRSGVQNIRQQWGDWCNIKGAGFGTRPTTNTGSQFIDSIVWVKPGGESDGTSNSSS
PRYDSTCSLPDAAQPAPEAGTWFQAYFQTLVSAANPPL
;
_entity_poly.pdbx_strand_id   A
#
loop_
_chem_comp.id
_chem_comp.type
_chem_comp.name
_chem_comp.formula
IDC D-saccharide '(5R,6R,7R,8S)-7,8-dihydroxy-5-(hydroxymethyl)-5,6,7,8-tetrahydroimidazo[1,2-a]pyridin-6-yl beta-D-glucopyranoside' 'C14 H22 N2 O9'
#
# COMPACT_ATOMS: atom_id res chain seq x y z
N SER A 1 -4.83 -1.38 -20.12
CA SER A 1 -4.29 -0.34 -20.98
C SER A 1 -3.14 -0.86 -21.82
N ALA A 2 -2.66 -0.03 -22.75
CA ALA A 2 -1.59 -0.47 -23.64
C ALA A 2 -0.29 -0.67 -22.87
N ASN A 3 -0.02 0.18 -21.90
CA ASN A 3 1.30 0.27 -21.26
C ASN A 3 1.16 -0.19 -19.81
N ASN A 4 1.50 -1.45 -19.55
CA ASN A 4 1.52 -1.99 -18.21
C ASN A 4 2.91 -1.73 -17.64
N PRO A 5 3.06 -0.97 -16.55
CA PRO A 5 4.41 -0.62 -16.09
C PRO A 5 5.33 -1.81 -15.86
N TRP A 6 4.79 -2.99 -15.55
CA TRP A 6 5.61 -4.14 -15.21
C TRP A 6 6.13 -4.91 -16.43
N THR A 7 5.47 -4.83 -17.57
N THR A 7 5.45 -4.81 -17.57
CA THR A 7 5.90 -5.69 -18.67
CA THR A 7 5.82 -5.62 -18.73
C THR A 7 7.26 -5.21 -19.20
C THR A 7 7.26 -5.39 -19.13
N GLY A 8 8.19 -6.15 -19.39
N GLY A 8 8.02 -6.47 -19.25
CA GLY A 8 9.52 -5.85 -19.89
CA GLY A 8 9.38 -6.37 -19.74
C GLY A 8 10.56 -5.53 -18.84
C GLY A 8 10.39 -5.91 -18.72
N PHE A 9 10.21 -5.61 -17.56
N PHE A 9 10.01 -5.84 -17.44
CA PHE A 9 11.11 -5.27 -16.48
CA PHE A 9 10.90 -5.41 -16.38
C PHE A 9 11.19 -6.43 -15.50
C PHE A 9 11.05 -6.49 -15.34
N GLN A 10 12.31 -6.49 -14.78
N GLN A 10 12.23 -6.54 -14.73
CA GLN A 10 12.47 -7.36 -13.63
CA GLN A 10 12.51 -7.41 -13.60
C GLN A 10 12.30 -6.52 -12.38
C GLN A 10 12.39 -6.59 -12.33
N ILE A 11 11.50 -7.00 -11.43
CA ILE A 11 11.30 -6.25 -10.20
C ILE A 11 12.50 -6.43 -9.28
N PHE A 12 13.06 -5.31 -8.82
CA PHE A 12 14.12 -5.33 -7.83
C PHE A 12 13.54 -5.75 -6.49
N LEU A 13 14.07 -6.81 -5.89
CA LEU A 13 13.52 -7.29 -4.63
C LEU A 13 13.90 -6.35 -3.50
N SER A 14 12.97 -6.12 -2.57
CA SER A 14 13.23 -5.16 -1.49
C SER A 14 14.37 -5.64 -0.60
N PRO A 15 15.47 -4.90 -0.48
CA PRO A 15 16.50 -5.29 0.49
C PRO A 15 16.04 -5.11 1.93
N TYR A 16 15.13 -4.17 2.17
CA TYR A 16 14.64 -3.93 3.51
C TYR A 16 13.83 -5.12 4.00
N TYR A 17 12.88 -5.58 3.17
CA TYR A 17 12.12 -6.76 3.53
C TYR A 17 13.00 -8.00 3.54
N ALA A 18 13.95 -8.08 2.62
CA ALA A 18 14.83 -9.26 2.59
C ALA A 18 15.60 -9.39 3.89
N ASN A 19 16.03 -8.28 4.46
N ASN A 19 16.09 -8.27 4.42
CA ASN A 19 16.76 -8.31 5.71
CA ASN A 19 16.76 -8.31 5.72
C ASN A 19 15.87 -8.73 6.87
C ASN A 19 15.82 -8.84 6.80
N GLU A 20 14.62 -8.27 6.88
CA GLU A 20 13.66 -8.69 7.89
C GLU A 20 13.37 -10.18 7.78
N VAL A 21 13.13 -10.64 6.54
CA VAL A 21 12.77 -12.03 6.31
C VAL A 21 13.92 -12.96 6.64
N ALA A 22 15.14 -12.61 6.27
CA ALA A 22 16.27 -13.49 6.56
C ALA A 22 16.44 -13.68 8.06
N ALA A 23 16.34 -12.60 8.82
CA ALA A 23 16.46 -12.70 10.27
C ALA A 23 15.30 -13.48 10.85
N ALA A 24 14.09 -13.29 10.30
CA ALA A 24 12.93 -13.99 10.79
C ALA A 24 13.03 -15.49 10.52
N ALA A 25 13.51 -15.86 9.34
CA ALA A 25 13.52 -17.27 8.97
C ALA A 25 14.50 -18.05 9.82
N LYS A 26 15.66 -17.48 10.12
N LYS A 26 15.52 -17.37 10.37
CA LYS A 26 16.65 -18.30 10.80
CA LYS A 26 16.45 -18.00 11.32
C LYS A 26 16.24 -18.66 12.21
C LYS A 26 15.79 -18.25 12.68
N GLN A 27 15.22 -17.98 12.76
N GLN A 27 14.79 -17.44 13.04
CA GLN A 27 14.64 -18.33 14.05
CA GLN A 27 14.14 -17.60 14.33
C GLN A 27 13.45 -19.28 13.95
C GLN A 27 13.04 -18.66 14.31
N ILE A 28 12.96 -19.57 12.76
N ILE A 28 12.60 -19.07 13.13
CA ILE A 28 11.87 -20.53 12.59
CA ILE A 28 11.57 -20.10 13.01
C ILE A 28 12.45 -21.94 12.64
C ILE A 28 12.22 -21.46 13.13
N THR A 29 11.95 -22.77 13.56
N THR A 29 11.76 -22.27 14.10
CA THR A 29 12.69 -23.96 13.97
CA THR A 29 12.50 -23.47 14.47
C THR A 29 12.52 -25.13 13.01
C THR A 29 12.13 -24.71 13.66
N ASP A 30 11.35 -25.30 12.43
N ASP A 30 10.90 -24.81 13.15
CA ASP A 30 11.13 -26.43 11.52
CA ASP A 30 10.58 -25.93 12.27
C ASP A 30 11.87 -26.18 10.21
C ASP A 30 11.35 -25.76 10.97
N PRO A 31 12.69 -27.13 9.74
N PRO A 31 12.21 -26.72 10.59
CA PRO A 31 13.46 -26.90 8.51
CA PRO A 31 13.04 -26.50 9.40
C PRO A 31 12.61 -26.50 7.31
C PRO A 31 12.24 -26.32 8.12
N THR A 32 11.48 -27.18 7.11
N THR A 32 11.15 -27.07 7.97
CA THR A 32 10.65 -26.87 5.95
CA THR A 32 10.28 -26.90 6.80
C THR A 32 9.98 -25.52 6.07
C THR A 32 9.69 -25.49 6.75
N LEU A 33 9.34 -25.24 7.22
N LEU A 33 9.15 -25.03 7.88
CA LEU A 33 8.73 -23.92 7.41
CA LEU A 33 8.54 -23.70 7.93
C LEU A 33 9.77 -22.81 7.30
C LEU A 33 9.58 -22.61 7.73
N SER A 34 10.97 -23.04 7.83
N SER A 34 10.74 -22.74 8.38
CA SER A 34 12.05 -22.05 7.72
CA SER A 34 11.79 -21.75 8.23
C SER A 34 12.45 -21.81 6.26
C SER A 34 12.26 -21.67 6.78
N SER A 35 12.60 -22.87 5.47
N SER A 35 12.30 -22.81 6.08
CA SER A 35 12.92 -22.68 4.06
CA SER A 35 12.68 -22.83 4.68
C SER A 35 11.80 -21.96 3.31
C SER A 35 11.72 -22.00 3.83
N LYS A 36 10.55 -22.29 3.62
N LYS A 36 10.42 -22.27 3.94
CA LYS A 36 9.44 -21.56 3.02
CA LYS A 36 9.43 -21.49 3.23
C LYS A 36 9.46 -20.09 3.42
C LYS A 36 9.50 -20.01 3.60
N ALA A 37 9.72 -19.82 4.71
N ALA A 37 9.74 -19.72 4.88
CA ALA A 37 9.79 -18.43 5.16
CA ALA A 37 9.84 -18.34 5.31
C ALA A 37 10.91 -17.68 4.45
C ALA A 37 10.96 -17.61 4.57
N ALA A 38 12.10 -18.29 4.37
CA ALA A 38 13.22 -17.62 3.71
C ALA A 38 12.89 -17.28 2.27
N SER A 39 12.10 -18.13 1.60
CA SER A 39 11.77 -17.92 0.20
C SER A 39 10.89 -16.69 0.00
N VAL A 40 10.26 -16.19 1.06
CA VAL A 40 9.45 -14.98 0.94
C VAL A 40 10.30 -13.80 0.49
N ALA A 41 11.61 -13.81 0.78
CA ALA A 41 12.47 -12.71 0.37
C ALA A 41 12.62 -12.62 -1.13
N ASN A 42 12.23 -13.66 -1.86
CA ASN A 42 12.26 -13.67 -3.32
C ASN A 42 10.95 -13.25 -3.94
N ILE A 43 9.99 -12.80 -3.13
CA ILE A 43 8.69 -12.37 -3.62
C ILE A 43 8.70 -10.85 -3.65
N PRO A 44 8.41 -10.22 -4.78
N PRO A 44 8.39 -10.23 -4.79
CA PRO A 44 8.52 -8.76 -4.84
CA PRO A 44 8.44 -8.76 -4.88
C PRO A 44 7.48 -8.06 -3.99
C PRO A 44 7.45 -8.09 -3.92
N THR A 45 7.94 -7.04 -3.26
CA THR A 45 7.11 -6.24 -2.37
C THR A 45 7.41 -4.76 -2.60
N PHE A 46 6.54 -3.90 -2.08
CA PHE A 46 6.79 -2.47 -2.05
C PHE A 46 7.52 -2.08 -0.79
N THR A 47 8.52 -1.20 -0.93
CA THR A 47 9.28 -0.70 0.23
C THR A 47 8.76 0.69 0.57
N TRP A 48 8.47 0.92 1.84
CA TRP A 48 7.76 2.11 2.26
C TRP A 48 8.72 3.23 2.65
N LEU A 49 8.53 4.39 2.06
N LEU A 49 8.49 4.41 2.07
CA LEU A 49 9.26 5.59 2.48
CA LEU A 49 9.19 5.63 2.46
C LEU A 49 8.39 6.29 3.53
C LEU A 49 8.38 6.32 3.55
N ASP A 50 8.32 5.66 4.70
CA ASP A 50 7.45 6.12 5.77
C ASP A 50 8.06 7.22 6.62
N SER A 51 9.27 7.66 6.26
CA SER A 51 9.90 8.79 6.92
C SER A 51 11.01 9.30 6.01
N VAL A 52 11.47 10.52 6.30
N VAL A 52 11.46 10.53 6.29
CA VAL A 52 12.64 11.05 5.60
CA VAL A 52 12.52 11.11 5.47
C VAL A 52 13.85 10.16 5.84
C VAL A 52 13.82 10.35 5.64
N ALA A 53 13.91 9.47 6.98
N ALA A 53 14.03 9.73 6.81
CA ALA A 53 15.01 8.57 7.27
CA ALA A 53 15.27 9.03 7.08
C ALA A 53 15.12 7.44 6.24
C ALA A 53 15.55 7.92 6.07
N LYS A 54 14.04 7.13 5.53
N LYS A 54 14.53 7.43 5.39
CA LYS A 54 14.07 6.07 4.52
CA LYS A 54 14.69 6.31 4.48
C LYS A 54 14.58 6.54 3.18
C LYS A 54 14.95 6.73 3.05
N ILE A 55 14.73 7.83 2.97
N ILE A 55 14.93 8.03 2.75
CA ILE A 55 15.11 8.34 1.65
CA ILE A 55 15.26 8.48 1.39
C ILE A 55 16.52 7.91 1.24
C ILE A 55 16.65 8.04 0.97
N PRO A 56 17.54 7.97 2.11
N PRO A 56 17.68 8.08 1.81
CA PRO A 56 18.87 7.51 1.66
CA PRO A 56 18.95 7.45 1.42
C PRO A 56 18.85 6.08 1.15
C PRO A 56 18.84 5.96 1.19
N ASP A 57 18.06 5.23 1.78
N ASP A 57 17.88 5.25 1.83
CA ASP A 57 18.00 3.84 1.33
CA ASP A 57 17.67 3.86 1.42
C ASP A 57 17.37 3.72 -0.04
C ASP A 57 17.26 3.81 -0.05
N LEU A 58 16.40 4.58 -0.36
N LEU A 58 16.30 4.66 -0.44
CA LEU A 58 15.89 4.64 -1.73
CA LEU A 58 15.84 4.68 -1.83
C LEU A 58 17.03 4.85 -2.73
C LEU A 58 16.99 4.91 -2.80
N GLY A 59 17.91 5.82 -2.46
CA GLY A 59 19.05 6.03 -3.33
C GLY A 59 19.86 4.76 -3.51
N THR A 60 20.09 4.02 -2.43
CA THR A 60 20.82 2.76 -2.58
C THR A 60 20.05 1.75 -3.43
N TYR A 61 18.73 1.68 -3.26
CA TYR A 61 17.96 0.71 -4.05
C TYR A 61 18.06 1.02 -5.54
N LEU A 62 17.94 2.29 -5.90
CA LEU A 62 18.01 2.67 -7.30
C LEU A 62 19.38 2.33 -7.90
N ALA A 63 20.46 2.63 -7.16
CA ALA A 63 21.79 2.35 -7.69
C ALA A 63 22.05 0.85 -7.76
N SER A 64 21.59 0.11 -6.75
CA SER A 64 21.75 -1.35 -6.77
C SER A 64 20.97 -1.96 -7.91
N ALA A 65 19.74 -1.48 -8.13
CA ALA A 65 18.92 -1.98 -9.23
C ALA A 65 19.59 -1.69 -10.56
N SER A 66 20.13 -0.48 -10.73
CA SER A 66 20.81 -0.15 -11.98
C SER A 66 21.93 -1.14 -12.26
N ALA A 67 22.75 -1.43 -11.25
N ALA A 67 22.75 -1.42 -11.24
CA ALA A 67 23.86 -2.36 -11.45
CA ALA A 67 23.85 -2.35 -11.40
C ALA A 67 23.38 -3.78 -11.66
C ALA A 67 23.36 -3.75 -11.77
N LEU A 68 22.32 -4.19 -10.96
N LEU A 68 22.34 -4.24 -11.05
CA LEU A 68 21.81 -5.55 -11.14
CA LEU A 68 21.76 -5.53 -11.41
C LEU A 68 21.29 -5.75 -12.55
C LEU A 68 21.26 -5.55 -12.84
N GLY A 69 20.61 -4.74 -13.09
N GLY A 69 20.71 -4.43 -13.30
CA GLY A 69 20.14 -4.83 -14.46
CA GLY A 69 20.27 -4.36 -14.69
C GLY A 69 21.28 -4.99 -15.44
C GLY A 69 21.41 -4.53 -15.66
N LYS A 70 22.36 -4.23 -15.25
N LYS A 70 22.53 -3.84 -15.41
CA LYS A 70 23.52 -4.36 -16.12
CA LYS A 70 23.66 -3.89 -16.32
C LYS A 70 24.17 -5.73 -15.99
C LYS A 70 24.48 -5.18 -16.20
N SER A 71 24.17 -6.31 -14.78
N SER A 71 24.31 -5.93 -15.11
CA SER A 71 24.80 -7.59 -14.54
CA SER A 71 24.99 -7.22 -14.97
C SER A 71 23.98 -8.78 -15.06
C SER A 71 24.18 -8.39 -15.53
N THR A 72 22.69 -8.60 -15.29
N THR A 72 22.87 -8.22 -15.70
CA THR A 72 21.79 -9.69 -15.67
CA THR A 72 22.01 -9.28 -16.17
C THR A 72 21.11 -9.47 -17.02
C THR A 72 21.34 -9.00 -17.50
N GLY A 73 21.45 -8.39 -17.73
N GLY A 73 21.52 -7.82 -18.07
CA GLY A 73 20.85 -8.09 -19.02
CA GLY A 73 20.72 -7.42 -19.22
C GLY A 73 19.41 -7.59 -18.97
C GLY A 73 19.24 -7.48 -18.93
N THR A 74 18.97 -7.09 -17.81
N THR A 74 18.80 -6.77 -17.89
CA THR A 74 17.58 -6.73 -17.63
CA THR A 74 17.41 -6.71 -17.48
C THR A 74 17.41 -5.24 -17.35
C THR A 74 17.07 -5.28 -17.08
N LYS A 75 16.19 -4.79 -17.53
N LYS A 75 15.92 -4.78 -17.53
CA LYS A 75 15.75 -3.50 -17.03
CA LYS A 75 15.43 -3.47 -17.10
C LYS A 75 15.04 -3.74 -15.71
C LYS A 75 14.81 -3.60 -15.71
N GLN A 76 15.40 -2.96 -14.70
CA GLN A 76 14.93 -3.15 -13.34
C GLN A 76 13.87 -2.13 -12.94
N LEU A 77 12.98 -2.56 -12.05
CA LEU A 77 11.85 -1.77 -11.59
C LEU A 77 11.83 -1.78 -10.07
N VAL A 78 11.82 -0.60 -9.47
CA VAL A 78 11.83 -0.42 -8.02
C VAL A 78 10.43 0.01 -7.57
N GLN A 79 9.90 -0.68 -6.57
CA GLN A 79 8.54 -0.47 -6.06
C GLN A 79 8.58 0.25 -4.72
N ILE A 80 7.98 1.43 -4.66
CA ILE A 80 8.01 2.24 -3.45
C ILE A 80 6.63 2.69 -3.03
N VAL A 81 6.49 3.02 -1.74
CA VAL A 81 5.29 3.65 -1.21
C VAL A 81 5.67 5.03 -0.69
N ILE A 82 4.95 6.04 -1.17
CA ILE A 82 5.05 7.41 -0.67
C ILE A 82 4.08 7.48 0.50
N TYR A 83 4.60 7.67 1.71
N TYR A 83 4.60 7.69 1.71
CA TYR A 83 3.75 7.53 2.91
CA TYR A 83 3.76 7.66 2.90
C TYR A 83 4.29 8.42 4.03
C TYR A 83 4.33 8.53 4.01
N ASP A 84 4.15 9.74 3.87
N ASP A 84 4.10 9.84 3.92
CA ASP A 84 4.63 10.63 4.93
CA ASP A 84 4.60 10.76 4.95
C ASP A 84 3.84 11.93 5.02
C ASP A 84 3.78 12.04 5.00
N LEU A 85 2.56 11.91 4.71
N LEU A 85 2.47 11.93 4.80
CA LEU A 85 1.76 13.13 4.81
CA LEU A 85 1.61 13.10 4.73
C LEU A 85 1.83 13.71 6.22
C LEU A 85 1.61 13.84 6.07
N PRO A 86 1.72 15.03 6.35
N PRO A 86 1.49 15.16 6.05
CA PRO A 86 1.52 15.61 7.68
CA PRO A 86 1.24 15.89 7.29
C PRO A 86 0.15 15.21 8.21
C PRO A 86 -0.06 15.45 7.93
N ASP A 87 0.06 15.11 9.53
N ASP A 87 -0.02 15.21 9.25
CA ASP A 87 -1.16 14.60 10.16
CA ASP A 87 -1.12 14.61 10.00
C ASP A 87 -1.56 13.25 9.56
C ASP A 87 -1.57 13.28 9.38
N ARG A 88 -0.56 12.40 9.34
N ARG A 88 -0.61 12.36 9.29
CA ARG A 88 -0.77 11.09 8.75
CA ARG A 88 -0.88 11.02 8.80
C ARG A 88 -1.66 10.26 9.67
C ARG A 88 -1.95 10.34 9.65
N ASP A 89 -2.58 9.51 9.06
N ASP A 89 -2.70 9.44 9.02
CA ASP A 89 -3.56 8.69 9.80
CA ASP A 89 -3.70 8.63 9.72
C ASP A 89 -4.50 9.60 10.59
C ASP A 89 -4.70 9.49 10.49
N CYS A 90 -5.38 10.27 9.85
N CYS A 90 -5.31 10.45 9.79
CA CYS A 90 -6.25 11.26 10.47
CA CYS A 90 -6.14 11.45 10.46
C CYS A 90 -7.37 10.65 11.28
C CYS A 90 -7.34 10.85 11.19
N ALA A 91 -7.74 9.40 11.01
N ALA A 91 -7.73 9.62 10.85
CA ALA A 91 -8.89 8.78 11.68
CA ALA A 91 -8.87 8.98 11.50
C ALA A 91 -8.51 7.81 12.79
C ALA A 91 -8.47 8.10 12.68
N ALA A 92 -7.22 7.61 13.05
N ALA A 92 -7.20 7.70 12.78
CA ALA A 92 -6.76 6.71 14.11
CA ALA A 92 -6.76 6.84 13.87
C ALA A 92 -5.35 7.12 14.50
C ALA A 92 -5.47 7.36 14.48
N LYS A 93 -4.76 6.36 15.43
N LYS A 93 -4.62 6.45 14.98
CA LYS A 93 -3.50 6.77 16.04
CA LYS A 93 -3.45 6.89 15.73
C LYS A 93 -2.29 5.95 15.63
C LYS A 93 -2.25 5.96 15.59
N ALA A 94 -2.48 4.70 15.19
CA ALA A 94 -1.38 3.74 15.16
C ALA A 94 -0.26 4.15 14.23
N SER A 95 -0.57 4.88 13.16
CA SER A 95 0.41 5.22 12.13
C SER A 95 0.71 6.72 12.09
N ASN A 96 0.38 7.48 13.13
N ASN A 96 0.49 7.42 13.20
CA ASN A 96 0.73 8.88 13.14
CA ASN A 96 0.90 8.81 13.28
C ASN A 96 2.24 9.01 12.91
C ASN A 96 2.35 8.94 12.84
N GLY A 97 2.64 10.00 12.11
CA GLY A 97 3.99 10.14 11.60
C GLY A 97 4.74 11.37 12.05
N GLU A 98 5.82 11.68 11.35
CA GLU A 98 6.77 12.67 11.83
C GLU A 98 6.37 14.11 11.55
N PHE A 99 5.46 14.35 10.60
CA PHE A 99 5.10 15.71 10.24
C PHE A 99 3.69 16.05 10.72
N SER A 100 3.50 17.30 11.13
CA SER A 100 2.20 17.80 11.55
C SER A 100 1.85 19.03 10.72
N ILE A 101 0.56 19.18 10.42
CA ILE A 101 0.12 20.34 9.66
C ILE A 101 0.49 21.63 10.38
N ALA A 102 0.34 21.64 11.70
CA ALA A 102 0.59 22.84 12.48
C ALA A 102 2.05 23.27 12.47
N ASN A 103 2.98 22.33 12.31
CA ASN A 103 4.40 22.64 12.27
C ASN A 103 4.93 22.47 10.85
N ASN A 104 4.56 23.40 9.98
N ASN A 104 4.59 23.42 10.00
CA ASN A 104 5.15 23.46 8.63
CA ASN A 104 5.08 23.50 8.62
C ASN A 104 5.00 22.14 7.88
C ASN A 104 4.94 22.16 7.89
N GLY A 105 3.92 21.39 8.17
N GLY A 105 3.71 21.66 7.87
CA GLY A 105 3.85 20.03 7.67
CA GLY A 105 3.46 20.38 7.22
C GLY A 105 3.83 19.94 6.15
C GLY A 105 3.71 20.43 5.73
N GLN A 106 3.02 20.79 5.51
N GLN A 106 3.11 21.43 5.06
CA GLN A 106 2.96 20.78 4.06
CA GLN A 106 3.20 21.53 3.60
C GLN A 106 4.32 21.11 3.45
C GLN A 106 4.66 21.58 3.13
N ALA A 107 5.00 22.13 3.98
N ALA A 107 5.44 22.52 3.67
CA ALA A 107 6.32 22.49 3.47
CA ALA A 107 6.82 22.66 3.23
C ALA A 107 7.33 21.37 3.70
C ALA A 107 7.65 21.42 3.57
N ASN A 108 7.28 20.74 4.88
N ASN A 108 7.41 20.83 4.75
CA ASN A 108 8.17 19.61 5.14
CA ASN A 108 8.16 19.64 5.15
C ASN A 108 7.89 18.47 4.18
C ASN A 108 7.89 18.46 4.20
N TYR A 109 6.61 18.25 3.88
CA TYR A 109 6.25 17.19 2.93
C TYR A 109 6.80 17.49 1.54
N GLU A 110 6.70 18.75 1.08
N GLU A 110 6.73 18.74 1.11
CA GLU A 110 7.30 19.13 -0.20
CA GLU A 110 7.23 19.03 -0.21
C GLU A 110 8.76 18.75 -0.22
C GLU A 110 8.75 18.88 -0.28
N ASN A 111 9.47 19.06 0.85
CA ASN A 111 10.89 18.77 0.90
C ASN A 111 11.15 17.26 0.86
N TYR A 112 10.31 16.48 1.54
CA TYR A 112 10.38 15.02 1.44
C TYR A 112 10.25 14.57 -0.01
N ILE A 113 9.24 15.08 -0.71
CA ILE A 113 9.08 14.75 -2.13
C ILE A 113 10.30 15.21 -2.93
N ASP A 114 10.78 16.44 -2.68
CA ASP A 114 11.93 16.95 -3.44
C ASP A 114 13.13 16.05 -3.27
N GLN A 115 13.36 15.56 -2.05
N GLN A 115 13.35 15.53 -2.05
CA GLN A 115 14.49 14.66 -1.83
CA GLN A 115 14.49 14.66 -1.80
C GLN A 115 14.33 13.36 -2.60
C GLN A 115 14.34 13.31 -2.49
N ILE A 116 13.11 12.83 -2.64
CA ILE A 116 12.83 11.60 -3.37
C ILE A 116 13.04 11.81 -4.86
N VAL A 117 12.51 12.91 -5.39
CA VAL A 117 12.70 13.24 -6.81
C VAL A 117 14.18 13.37 -7.13
N ALA A 118 14.95 14.01 -6.25
CA ALA A 118 16.38 14.20 -6.50
C ALA A 118 17.13 12.88 -6.57
N GLN A 119 16.70 11.88 -5.81
CA GLN A 119 17.28 10.54 -5.95
C GLN A 119 16.88 9.92 -7.28
N ILE A 120 15.57 9.90 -7.57
CA ILE A 120 15.07 9.21 -8.76
C ILE A 120 15.68 9.78 -10.03
N GLN A 121 15.86 11.11 -10.06
N GLN A 121 15.89 11.11 -10.04
CA GLN A 121 16.40 11.79 -11.24
CA GLN A 121 16.49 11.81 -11.17
C GLN A 121 17.79 11.29 -11.62
C GLN A 121 17.80 11.17 -11.60
N GLN A 122 18.52 10.70 -10.68
N GLN A 122 18.60 10.70 -10.63
CA GLN A 122 19.90 10.31 -10.94
CA GLN A 122 19.95 10.27 -10.93
C GLN A 122 20.02 8.92 -11.57
C GLN A 122 19.99 8.96 -11.71
N PHE A 123 18.92 8.18 -11.69
CA PHE A 123 18.95 6.79 -12.17
C PHE A 123 17.91 6.56 -13.25
N PRO A 124 18.06 7.22 -14.41
CA PRO A 124 17.02 7.12 -15.43
C PRO A 124 16.88 5.74 -16.06
N ASP A 125 17.85 4.84 -15.91
N ASP A 125 17.86 4.85 -15.91
CA ASP A 125 17.71 3.51 -16.47
CA ASP A 125 17.73 3.49 -16.46
C ASP A 125 16.98 2.54 -15.55
C ASP A 125 16.83 2.60 -15.62
N VAL A 126 16.44 3.03 -14.43
CA VAL A 126 15.63 2.23 -13.51
C VAL A 126 14.21 2.77 -13.54
N ARG A 127 13.22 1.90 -13.70
CA ARG A 127 11.83 2.31 -13.62
C ARG A 127 11.38 2.30 -12.16
N VAL A 128 10.51 3.23 -11.80
CA VAL A 128 9.94 3.31 -10.46
C VAL A 128 8.42 3.24 -10.56
N VAL A 129 7.82 2.39 -9.75
CA VAL A 129 6.37 2.40 -9.52
C VAL A 129 6.13 2.78 -8.08
N ALA A 130 5.27 3.77 -7.88
CA ALA A 130 4.97 4.28 -6.55
C ALA A 130 3.48 4.16 -6.25
N VAL A 131 3.16 3.65 -5.06
CA VAL A 131 1.83 3.79 -4.49
C VAL A 131 1.80 5.10 -3.71
N ILE A 132 0.83 5.94 -4.00
CA ILE A 132 0.77 7.28 -3.42
C ILE A 132 -0.16 7.31 -2.22
N GLU A 133 0.44 7.44 -1.04
CA GLU A 133 -0.21 7.77 0.23
C GLU A 133 -1.41 6.90 0.60
N PRO A 134 -1.16 5.65 0.98
CA PRO A 134 -2.21 4.84 1.61
C PRO A 134 -2.91 5.61 2.72
N ASP A 135 -4.20 5.38 2.85
CA ASP A 135 -4.97 5.95 3.94
C ASP A 135 -4.92 7.48 3.94
N SER A 136 -5.13 8.08 2.77
N SER A 136 -5.03 8.08 2.77
CA SER A 136 -5.18 9.53 2.67
CA SER A 136 -5.05 9.54 2.68
C SER A 136 -6.46 9.99 2.00
C SER A 136 -6.40 10.00 2.18
N LEU A 137 -6.51 9.97 0.67
N LEU A 137 -6.51 10.17 0.86
CA LEU A 137 -7.68 10.48 -0.03
CA LEU A 137 -7.68 10.79 0.26
C LEU A 137 -8.96 9.75 0.34
C LEU A 137 -8.95 9.95 0.40
N ALA A 138 -8.90 8.45 0.65
N ALA A 138 -8.84 8.64 0.64
CA ALA A 138 -10.12 7.74 0.99
CA ALA A 138 -10.05 7.87 0.92
C ALA A 138 -10.80 8.34 2.22
C ALA A 138 -10.78 8.42 2.16
N ASN A 139 -10.03 8.93 3.13
CA ASN A 139 -10.64 9.60 4.28
C ASN A 139 -11.44 10.82 3.88
N LEU A 140 -11.10 11.45 2.76
CA LEU A 140 -11.81 12.62 2.31
C LEU A 140 -13.10 12.27 1.59
N VAL A 141 -13.38 10.98 1.40
CA VAL A 141 -14.67 10.55 0.90
C VAL A 141 -15.62 10.34 2.07
N THR A 142 -15.25 9.48 3.01
CA THR A 142 -16.18 9.00 4.03
C THR A 142 -15.95 9.58 5.43
N ASN A 143 -14.80 10.21 5.68
N ASN A 143 -14.79 10.21 5.66
CA ASN A 143 -14.40 10.50 7.06
CA ASN A 143 -14.41 10.63 7.01
C ASN A 143 -14.28 11.99 7.35
C ASN A 143 -14.33 12.14 7.14
N LEU A 144 -15.00 12.84 6.61
N LEU A 144 -15.09 12.88 6.35
CA LEU A 144 -14.87 14.28 6.83
CA LEU A 144 -15.11 14.33 6.54
C LEU A 144 -15.53 14.75 8.12
C LEU A 144 -15.73 14.74 7.87
N ASN A 145 -16.40 13.94 8.72
N ASN A 145 -16.38 13.82 8.57
CA ASN A 145 -16.86 14.27 10.05
CA ASN A 145 -16.90 14.10 9.90
C ASN A 145 -15.82 13.96 11.12
C ASN A 145 -15.85 13.98 11.00
N VAL A 146 -14.75 13.26 10.75
CA VAL A 146 -13.63 13.19 11.67
C VAL A 146 -12.91 14.53 11.59
N GLN A 147 -12.89 15.27 12.68
CA GLN A 147 -12.42 16.64 12.60
C GLN A 147 -10.96 16.72 12.18
N LYS A 148 -10.12 15.78 12.62
CA LYS A 148 -8.73 15.81 12.16
C LYS A 148 -8.64 15.62 10.65
N CYS A 149 -9.51 14.78 10.08
N CYS A 149 -9.52 14.80 10.09
CA CYS A 149 -9.51 14.61 8.63
CA CYS A 149 -9.52 14.59 8.64
C CYS A 149 -10.04 15.85 7.92
C CYS A 149 -10.09 15.79 7.90
N ALA A 150 -11.13 16.42 8.43
N ALA A 150 -11.12 16.42 8.47
CA ALA A 150 -11.66 17.65 7.85
CA ALA A 150 -11.70 17.59 7.83
C ALA A 150 -10.61 18.75 7.86
C ALA A 150 -10.71 18.76 7.80
N ASN A 151 -9.91 18.89 8.98
N ASN A 151 -9.96 18.95 8.89
CA ASN A 151 -8.89 19.93 9.08
CA ASN A 151 -8.95 20.00 8.91
C ASN A 151 -7.65 19.63 8.26
C ASN A 151 -7.76 19.65 8.03
N ALA A 152 -7.46 18.37 7.87
CA ALA A 152 -6.35 17.95 7.03
C ALA A 152 -6.68 17.99 5.55
N LYS A 153 -7.95 18.18 5.19
CA LYS A 153 -8.37 18.01 3.80
C LYS A 153 -7.53 18.84 2.83
N THR A 154 -7.41 20.15 3.08
CA THR A 154 -6.67 20.97 2.12
C THR A 154 -5.20 20.55 2.05
N THR A 155 -4.62 20.14 3.17
CA THR A 155 -3.22 19.74 3.16
C THR A 155 -3.02 18.41 2.45
N TYR A 156 -3.91 17.43 2.72
CA TYR A 156 -3.81 16.16 2.00
C TYR A 156 -3.91 16.38 0.51
N LEU A 157 -4.89 17.18 0.07
CA LEU A 157 -5.04 17.41 -1.36
C LEU A 157 -3.82 18.11 -1.94
N ALA A 158 -3.31 19.13 -1.24
CA ALA A 158 -2.17 19.89 -1.76
C ALA A 158 -0.92 19.02 -1.81
N SER A 159 -0.72 18.22 -0.77
CA SER A 159 0.50 17.42 -0.68
C SER A 159 0.47 16.27 -1.66
N VAL A 160 -0.66 15.56 -1.77
CA VAL A 160 -0.78 14.54 -2.80
C VAL A 160 -0.58 15.15 -4.18
N ASN A 161 -1.16 16.32 -4.42
CA ASN A 161 -0.95 16.97 -5.72
C ASN A 161 0.53 17.25 -5.96
N TYR A 162 1.24 17.75 -4.94
CA TYR A 162 2.67 18.03 -5.10
C TYR A 162 3.44 16.77 -5.44
N ALA A 163 3.11 15.66 -4.77
CA ALA A 163 3.76 14.39 -5.04
C ALA A 163 3.50 13.94 -6.48
N LEU A 164 2.23 13.95 -6.90
CA LEU A 164 1.89 13.50 -8.24
C LEU A 164 2.60 14.34 -9.30
N THR A 165 2.51 15.67 -9.14
N THR A 165 2.53 15.66 -9.18
CA THR A 165 3.01 16.62 -10.14
CA THR A 165 3.13 16.48 -10.24
C THR A 165 4.52 16.51 -10.29
C THR A 165 4.64 16.34 -10.24
N ASN A 166 5.23 16.27 -9.19
N ASN A 166 5.27 16.35 -9.07
CA ASN A 166 6.69 16.30 -9.23
CA ASN A 166 6.72 16.31 -9.05
C ASN A 166 7.31 14.92 -9.45
C ASN A 166 7.25 14.94 -9.48
N LEU A 167 6.67 13.85 -8.98
CA LEU A 167 7.13 12.52 -9.39
C LEU A 167 6.88 12.27 -10.87
N ALA A 168 5.84 12.88 -11.43
CA ALA A 168 5.61 12.73 -12.87
C ALA A 168 6.76 13.31 -13.67
N LYS A 169 7.42 14.36 -13.16
CA LYS A 169 8.51 14.99 -13.89
C LYS A 169 9.71 14.07 -14.04
N VAL A 170 9.83 13.05 -13.21
CA VAL A 170 10.89 12.06 -13.34
C VAL A 170 10.35 10.71 -13.79
N GLY A 171 9.14 10.70 -14.35
CA GLY A 171 8.65 9.52 -15.04
C GLY A 171 8.24 8.35 -14.18
N VAL A 172 7.90 8.61 -12.93
CA VAL A 172 7.46 7.57 -11.99
C VAL A 172 6.04 7.16 -12.34
N TYR A 173 5.80 5.86 -12.47
CA TYR A 173 4.45 5.35 -12.66
C TYR A 173 3.75 5.28 -11.32
N MET A 174 2.54 5.84 -11.23
N MET A 174 2.56 5.86 -11.21
CA MET A 174 1.90 6.07 -9.95
CA MET A 174 1.94 6.02 -9.92
C MET A 174 0.49 5.50 -9.88
C MET A 174 0.53 5.46 -9.88
N TYR A 175 0.18 4.88 -8.73
CA TYR A 175 -1.16 4.42 -8.40
C TYR A 175 -1.53 5.07 -7.08
N MET A 176 -2.59 5.87 -7.08
N MET A 176 -2.57 5.89 -7.08
CA MET A 176 -3.05 6.51 -5.85
CA MET A 176 -3.02 6.53 -5.85
C MET A 176 -3.81 5.51 -5.02
C MET A 176 -3.85 5.55 -5.02
N ASP A 177 -3.60 5.53 -3.70
CA ASP A 177 -4.37 4.66 -2.84
C ASP A 177 -5.86 4.95 -2.97
N ALA A 178 -6.66 3.90 -2.96
CA ALA A 178 -8.11 4.04 -3.07
C ALA A 178 -8.84 3.09 -2.13
N GLY A 179 -8.31 2.92 -0.92
CA GLY A 179 -9.05 2.10 0.03
C GLY A 179 -9.28 0.68 -0.47
N HIS A 180 -10.44 0.13 -0.16
CA HIS A 180 -10.77 -1.25 -0.46
C HIS A 180 -12.28 -1.39 -0.59
N ALA A 181 -12.72 -2.60 -0.95
CA ALA A 181 -14.14 -2.83 -1.24
C ALA A 181 -15.05 -2.47 -0.07
N GLY A 182 -14.59 -2.69 1.15
CA GLY A 182 -15.38 -2.37 2.32
C GLY A 182 -15.29 -0.95 2.79
N TRP A 183 -14.54 -0.13 2.07
CA TRP A 183 -14.40 1.28 2.38
C TRP A 183 -15.08 2.08 1.28
N LEU A 184 -14.42 2.20 0.12
CA LEU A 184 -14.97 2.95 -0.99
C LEU A 184 -15.81 2.12 -1.93
N GLY A 185 -15.83 0.79 -1.78
CA GLY A 185 -16.59 -0.07 -2.67
C GLY A 185 -18.07 -0.18 -2.37
N TRP A 186 -18.51 0.26 -1.19
CA TRP A 186 -19.94 0.40 -0.97
C TRP A 186 -20.53 1.19 -2.14
N PRO A 187 -21.61 0.69 -2.76
CA PRO A 187 -22.14 1.38 -3.96
C PRO A 187 -22.29 2.87 -3.78
N ALA A 188 -22.77 3.32 -2.63
CA ALA A 188 -23.02 4.75 -2.44
C ALA A 188 -21.73 5.55 -2.32
N ASN A 189 -20.59 4.92 -2.05
CA ASN A 189 -19.33 5.64 -1.98
C ASN A 189 -18.61 5.71 -3.33
N LEU A 190 -19.07 4.95 -4.33
CA LEU A 190 -18.33 4.85 -5.58
C LEU A 190 -18.28 6.17 -6.32
N SER A 191 -19.43 6.82 -6.49
CA SER A 191 -19.45 8.08 -7.22
C SER A 191 -18.68 9.17 -6.51
N PRO A 192 -18.89 9.45 -5.22
N PRO A 192 -18.85 9.43 -5.21
CA PRO A 192 -18.03 10.41 -4.53
CA PRO A 192 -18.00 10.47 -4.59
C PRO A 192 -16.56 10.11 -4.70
C PRO A 192 -16.53 10.12 -4.60
N ALA A 193 -16.17 8.83 -4.58
CA ALA A 193 -14.77 8.46 -4.76
C ALA A 193 -14.30 8.78 -6.18
N ALA A 194 -15.07 8.38 -7.19
CA ALA A 194 -14.68 8.66 -8.57
C ALA A 194 -14.53 10.16 -8.80
N GLN A 195 -15.45 10.96 -8.24
CA GLN A 195 -15.38 12.40 -8.40
C GLN A 195 -14.10 12.95 -7.79
N LEU A 196 -13.74 12.47 -6.60
CA LEU A 196 -12.54 12.97 -5.93
C LEU A 196 -11.29 12.59 -6.69
N PHE A 197 -11.14 11.30 -7.00
N PHE A 197 -11.17 11.32 -7.13
CA PHE A 197 -9.95 10.87 -7.73
CA PHE A 197 -9.91 10.90 -7.73
C PHE A 197 -9.84 11.60 -9.05
C PHE A 197 -9.69 11.51 -9.12
N THR A 198 -10.97 11.89 -9.69
N THR A 198 -10.75 11.60 -9.94
CA THR A 198 -10.90 12.62 -10.96
CA THR A 198 -10.59 12.19 -11.26
C THR A 198 -10.46 14.06 -10.74
C THR A 198 -10.20 13.66 -11.18
N GLN A 199 -10.95 14.71 -9.67
N GLN A 199 -10.78 14.39 -10.22
CA GLN A 199 -10.49 16.06 -9.36
CA GLN A 199 -10.39 15.78 -10.04
C GLN A 199 -9.00 16.09 -9.05
C GLN A 199 -8.92 15.89 -9.66
N VAL A 200 -8.52 15.12 -8.28
N VAL A 200 -8.46 15.00 -8.78
CA VAL A 200 -7.09 15.03 -7.97
CA VAL A 200 -7.05 14.99 -8.37
C VAL A 200 -6.28 14.85 -9.25
C VAL A 200 -6.15 14.73 -9.58
N TRP A 201 -6.74 13.94 -10.12
N TRP A 201 -6.54 13.78 -10.43
CA TRP A 201 -6.07 13.70 -11.40
CA TRP A 201 -5.78 13.48 -11.63
C TRP A 201 -6.04 14.97 -12.24
C TRP A 201 -5.78 14.67 -12.59
N GLN A 202 -7.15 15.71 -12.28
N GLN A 202 -6.92 15.33 -12.76
CA GLN A 202 -7.21 16.96 -13.03
CA GLN A 202 -6.99 16.53 -13.59
C GLN A 202 -6.23 17.98 -12.47
C GLN A 202 -6.09 17.62 -13.01
N ASN A 203 -6.19 18.13 -11.15
N ASN A 203 -6.15 17.83 -11.69
CA ASN A 203 -5.31 19.13 -10.56
CA ASN A 203 -5.37 18.87 -11.04
C ASN A 203 -3.85 18.82 -10.83
C ASN A 203 -3.87 18.66 -11.25
N ALA A 204 -3.50 17.55 -10.91
N ALA A 204 -3.43 17.39 -11.33
CA ALA A 204 -2.14 17.14 -11.21
CA ALA A 204 -2.05 17.06 -11.61
C ALA A 204 -1.83 17.15 -12.70
C ALA A 204 -1.77 16.95 -13.10
N GLY A 205 -2.73 17.66 -13.52
N GLY A 205 -2.62 17.53 -13.94
CA GLY A 205 -2.49 17.80 -14.95
CA GLY A 205 -2.33 17.64 -15.35
C GLY A 205 -2.81 16.59 -15.80
C GLY A 205 -2.46 16.37 -16.14
N LYS A 206 -3.51 15.60 -15.26
N LYS A 206 -3.19 15.38 -15.63
CA LYS A 206 -3.88 14.41 -16.01
CA LYS A 206 -3.48 14.14 -16.36
C LYS A 206 -2.66 13.70 -16.58
C LYS A 206 -2.21 13.45 -16.87
N SER A 207 -1.53 13.76 -15.87
N SER A 207 -1.12 13.55 -16.13
CA SER A 207 -0.29 13.18 -16.40
CA SER A 207 0.13 12.95 -16.57
C SER A 207 -0.51 11.71 -16.73
C SER A 207 -0.08 11.49 -16.93
N PRO A 208 0.00 11.24 -17.88
N PRO A 208 0.38 11.05 -18.12
CA PRO A 208 -0.12 9.80 -18.20
CA PRO A 208 0.27 9.62 -18.47
C PRO A 208 0.63 8.88 -17.24
C PRO A 208 0.87 8.74 -17.40
N PHE A 209 1.65 9.35 -16.50
CA PHE A 209 2.31 8.56 -15.47
C PHE A 209 1.38 8.25 -14.29
N ILE A 210 0.29 8.99 -14.15
CA ILE A 210 -0.69 8.68 -13.12
C ILE A 210 -1.60 7.62 -13.70
N LYS A 211 -1.26 6.36 -13.45
CA LYS A 211 -1.89 5.26 -14.15
C LYS A 211 -3.27 4.95 -13.59
N GLY A 212 -3.46 5.13 -12.28
CA GLY A 212 -4.72 4.74 -11.70
C GLY A 212 -4.60 4.62 -10.19
N LEU A 213 -5.16 3.55 -9.65
CA LEU A 213 -5.43 3.42 -8.23
C LEU A 213 -4.90 2.09 -7.70
N ALA A 214 -4.54 2.08 -6.42
CA ALA A 214 -4.16 0.87 -5.70
C ALA A 214 -5.23 0.56 -4.66
N THR A 215 -5.63 -0.70 -4.58
CA THR A 215 -6.65 -1.08 -3.61
C THR A 215 -6.16 -2.20 -2.68
N ASN A 216 -6.86 -2.30 -1.56
CA ASN A 216 -6.62 -3.32 -0.53
C ASN A 216 -5.26 -3.18 0.14
N VAL A 217 -4.61 -2.02 0.03
CA VAL A 217 -3.29 -1.82 0.63
C VAL A 217 -3.39 -2.01 2.13
N ALA A 218 -2.59 -2.93 2.66
CA ALA A 218 -2.57 -3.27 4.07
C ALA A 218 -3.87 -3.91 4.55
N ASN A 219 -4.76 -4.31 3.65
CA ASN A 219 -5.97 -4.98 4.07
C ASN A 219 -5.90 -6.46 3.70
N TYR A 220 -7.06 -7.13 3.76
CA TYR A 220 -7.12 -8.58 3.79
C TYR A 220 -8.22 -9.12 2.88
N ASN A 221 -8.83 -8.27 2.07
CA ASN A 221 -9.96 -8.72 1.26
C ASN A 221 -9.49 -9.66 0.17
N ALA A 222 -10.39 -10.53 -0.27
CA ALA A 222 -10.13 -11.32 -1.45
C ALA A 222 -10.13 -10.42 -2.68
N LEU A 223 -9.36 -10.82 -3.69
CA LEU A 223 -9.58 -10.26 -5.01
C LEU A 223 -10.83 -10.85 -5.63
N GLN A 224 -10.92 -12.17 -5.65
N GLN A 224 -10.91 -12.18 -5.70
CA GLN A 224 -12.09 -12.89 -6.15
CA GLN A 224 -12.09 -12.86 -6.24
C GLN A 224 -12.47 -13.92 -5.07
C GLN A 224 -12.48 -13.99 -5.29
N ALA A 225 -13.49 -13.61 -4.29
N ALA A 225 -13.52 -13.76 -4.50
CA ALA A 225 -13.91 -14.48 -3.21
CA ALA A 225 -14.00 -14.73 -3.51
C ALA A 225 -14.69 -15.69 -3.74
C ALA A 225 -15.17 -15.52 -4.08
N ALA A 226 -14.43 -16.86 -3.16
N ALA A 226 -15.10 -16.85 -3.98
CA ALA A 226 -15.23 -18.04 -3.49
CA ALA A 226 -16.22 -17.68 -4.41
C ALA A 226 -16.68 -17.87 -3.04
C ALA A 226 -17.45 -17.47 -3.54
N SER A 227 -16.89 -17.18 -1.92
N SER A 227 -17.26 -17.17 -2.26
CA SER A 227 -18.22 -16.81 -1.46
CA SER A 227 -18.35 -16.90 -1.34
C SER A 227 -18.05 -15.58 -0.59
C SER A 227 -18.07 -15.61 -0.59
N PRO A 228 -19.08 -14.75 -0.45
CA PRO A 228 -18.88 -13.49 0.28
C PRO A 228 -18.53 -13.73 1.75
N ASP A 229 -17.50 -13.03 2.22
CA ASP A 229 -17.18 -13.05 3.64
C ASP A 229 -18.36 -12.45 4.39
N PRO A 230 -18.83 -13.08 5.47
N PRO A 230 -18.84 -13.07 5.47
CA PRO A 230 -20.02 -12.54 6.18
CA PRO A 230 -20.03 -12.53 6.16
C PRO A 230 -19.86 -11.11 6.64
C PRO A 230 -19.86 -11.11 6.67
N ILE A 231 -18.64 -10.61 6.82
CA ILE A 231 -18.46 -9.21 7.21
C ILE A 231 -19.00 -8.25 6.16
N THR A 232 -19.24 -8.72 4.94
CA THR A 232 -19.60 -7.85 3.82
C THR A 232 -21.09 -7.64 3.69
N GLN A 233 -21.91 -8.15 4.62
N GLN A 233 -21.91 -8.20 4.56
CA GLN A 233 -23.37 -8.04 4.50
CA GLN A 233 -23.34 -8.17 4.34
C GLN A 233 -23.82 -6.63 4.21
C GLN A 233 -23.86 -6.73 4.24
N GLY A 234 -24.66 -6.48 3.20
CA GLY A 234 -25.17 -5.20 2.83
C GLY A 234 -24.45 -4.58 1.65
N ASN A 235 -23.25 -5.05 1.33
CA ASN A 235 -22.43 -4.51 0.26
C ASN A 235 -22.32 -5.54 -0.85
N PRO A 236 -22.91 -5.30 -2.04
CA PRO A 236 -22.75 -6.27 -3.14
C PRO A 236 -21.33 -6.39 -3.62
N ASN A 237 -20.47 -5.41 -3.32
CA ASN A 237 -19.08 -5.45 -3.75
C ASN A 237 -18.25 -6.02 -2.62
N TYR A 238 -18.28 -7.36 -2.54
CA TYR A 238 -17.75 -8.08 -1.38
C TYR A 238 -16.28 -8.44 -1.53
N ASP A 239 -15.69 -8.15 -2.67
CA ASP A 239 -14.28 -8.40 -2.89
C ASP A 239 -13.72 -7.31 -3.79
N GLU A 240 -12.41 -7.35 -4.01
CA GLU A 240 -11.78 -6.25 -4.72
C GLU A 240 -12.18 -6.23 -6.19
N ILE A 241 -12.41 -7.39 -6.81
CA ILE A 241 -12.77 -7.37 -8.23
C ILE A 241 -14.14 -6.73 -8.42
N HIS A 242 -15.08 -6.98 -7.49
CA HIS A 242 -16.36 -6.31 -7.62
C HIS A 242 -16.22 -4.80 -7.45
N TYR A 243 -15.42 -4.38 -6.48
CA TYR A 243 -15.18 -2.96 -6.25
C TYR A 243 -14.60 -2.31 -7.49
N ILE A 244 -13.53 -2.89 -8.04
CA ILE A 244 -12.87 -2.31 -9.19
C ILE A 244 -13.77 -2.33 -10.42
N ASN A 245 -14.50 -3.42 -10.63
N ASN A 245 -14.49 -3.43 -10.64
CA ASN A 245 -15.44 -3.49 -11.75
CA ASN A 245 -15.39 -3.48 -11.79
C ASN A 245 -16.46 -2.38 -11.67
C ASN A 245 -16.59 -2.56 -11.64
N ALA A 246 -16.84 -2.00 -10.46
CA ALA A 246 -17.86 -0.97 -10.28
C ALA A 246 -17.27 0.44 -10.34
N LEU A 247 -16.04 0.63 -9.86
CA LEU A 247 -15.45 1.97 -9.83
C LEU A 247 -14.84 2.36 -11.18
N ALA A 248 -14.15 1.42 -11.83
CA ALA A 248 -13.43 1.75 -13.05
C ALA A 248 -14.29 2.40 -14.12
N PRO A 249 -15.50 1.90 -14.42
CA PRO A 249 -16.30 2.58 -15.46
C PRO A 249 -16.68 3.99 -15.08
N LEU A 250 -16.81 4.30 -13.78
CA LEU A 250 -17.09 5.67 -13.38
C LEU A 250 -15.91 6.58 -13.68
N LEU A 251 -14.69 6.10 -13.43
N LEU A 251 -14.69 6.08 -13.48
CA LEU A 251 -13.51 6.90 -13.81
CA LEU A 251 -13.50 6.86 -13.80
C LEU A 251 -13.44 7.07 -15.32
C LEU A 251 -13.41 7.14 -15.30
N GLN A 252 -13.75 6.02 -16.08
N GLN A 252 -13.39 6.08 -16.11
CA GLN A 252 -13.79 6.14 -17.53
CA GLN A 252 -13.22 6.24 -17.55
C GLN A 252 -14.81 7.18 -17.97
C GLN A 252 -14.29 7.16 -18.15
N GLN A 253 -16.04 7.08 -17.43
N GLN A 253 -15.50 7.15 -17.60
CA GLN A 253 -17.09 8.01 -17.78
CA GLN A 253 -16.55 8.05 -18.09
C GLN A 253 -16.69 9.44 -17.41
C GLN A 253 -16.14 9.51 -17.94
N ALA A 254 -15.92 9.59 -16.33
N ALA A 254 -15.31 9.83 -16.94
CA ALA A 254 -15.43 10.90 -15.88
CA ALA A 254 -14.80 11.17 -16.71
C ALA A 254 -14.25 11.41 -16.69
C ALA A 254 -13.55 11.47 -17.53
N GLY A 255 -13.72 10.62 -17.61
N GLY A 255 -13.06 10.51 -18.31
CA GLY A 255 -12.65 11.06 -18.48
CA GLY A 255 -11.92 10.73 -19.16
C GLY A 255 -11.31 10.38 -18.25
C GLY A 255 -10.60 10.17 -18.66
N TRP A 256 -11.20 9.44 -17.31
N TRP A 256 -10.61 9.31 -17.66
CA TRP A 256 -9.92 8.85 -16.96
CA TRP A 256 -9.39 8.73 -17.10
C TRP A 256 -10.05 7.33 -17.03
C TRP A 256 -9.45 7.23 -17.31
N ASP A 257 -9.40 6.73 -18.02
N ASP A 257 -8.59 6.71 -18.19
CA ASP A 257 -9.40 5.27 -18.15
CA ASP A 257 -8.52 5.27 -18.43
C ASP A 257 -8.33 4.68 -17.24
C ASP A 257 -7.84 4.53 -17.28
N ALA A 258 -8.62 4.71 -15.95
N ALA A 258 -8.18 4.89 -16.05
CA ALA A 258 -7.64 4.32 -14.94
CA ALA A 258 -7.45 4.43 -14.88
C ALA A 258 -7.45 2.80 -14.92
C ALA A 258 -7.44 2.92 -14.78
N THR A 259 -6.26 2.36 -14.53
CA THR A 259 -6.04 0.96 -14.22
C THR A 259 -5.64 0.83 -12.76
N PHE A 260 -5.53 -0.41 -12.30
CA PHE A 260 -5.49 -0.69 -10.88
C PHE A 260 -4.40 -1.69 -10.54
N ILE A 261 -3.92 -1.61 -9.30
CA ILE A 261 -3.15 -2.68 -8.69
C ILE A 261 -3.83 -3.04 -7.37
N VAL A 262 -3.70 -4.30 -6.96
N VAL A 262 -3.72 -4.31 -6.98
CA VAL A 262 -4.42 -4.82 -5.81
CA VAL A 262 -4.40 -4.83 -5.81
C VAL A 262 -3.45 -5.56 -4.90
C VAL A 262 -3.39 -5.53 -4.90
N ASP A 263 -3.37 -5.12 -3.64
CA ASP A 263 -2.57 -5.82 -2.64
C ASP A 263 -3.25 -7.14 -2.30
N GLN A 264 -2.49 -8.23 -2.35
CA GLN A 264 -2.95 -9.54 -1.89
C GLN A 264 -1.98 -10.16 -0.88
N GLY A 265 -1.04 -9.35 -0.37
CA GLY A 265 0.00 -9.89 0.50
C GLY A 265 -0.50 -10.58 1.76
N ARG A 266 -1.67 -10.18 2.27
CA ARG A 266 -2.23 -10.81 3.47
C ARG A 266 -3.65 -11.31 3.23
N SER A 267 -3.93 -11.76 2.01
CA SER A 267 -5.27 -12.15 1.61
C SER A 267 -5.47 -13.66 1.44
N GLY A 268 -4.46 -14.47 1.81
CA GLY A 268 -4.57 -15.90 1.60
C GLY A 268 -5.68 -16.57 2.41
N VAL A 269 -6.06 -15.98 3.53
CA VAL A 269 -7.07 -16.55 4.43
C VAL A 269 -8.22 -15.56 4.56
N GLN A 270 -9.40 -16.00 4.17
CA GLN A 270 -10.61 -15.19 4.23
C GLN A 270 -11.42 -15.58 5.46
N ASN A 271 -12.41 -14.75 5.80
N ASN A 271 -12.50 -14.83 5.69
CA ASN A 271 -13.38 -15.07 6.86
CA ASN A 271 -13.46 -15.16 6.74
C ASN A 271 -12.70 -15.14 8.24
C ASN A 271 -12.76 -15.24 8.09
N ILE A 272 -11.93 -14.09 8.58
N ILE A 272 -11.76 -14.38 8.29
CA ILE A 272 -11.21 -14.04 9.86
CA ILE A 272 -11.01 -14.33 9.53
C ILE A 272 -11.45 -12.75 10.62
C ILE A 272 -11.36 -13.13 10.39
N ARG A 273 -12.57 -12.08 10.37
N ARG A 273 -12.25 -12.27 9.93
CA ARG A 273 -12.87 -10.81 11.03
CA ARG A 273 -12.60 -11.06 10.66
C ARG A 273 -14.29 -10.80 11.58
C ARG A 273 -13.99 -11.14 11.24
N GLN A 274 -14.46 -10.10 12.71
N GLN A 274 -14.15 -10.59 12.45
CA GLN A 274 -15.81 -9.91 13.24
CA GLN A 274 -15.46 -10.42 13.06
C GLN A 274 -16.54 -8.78 12.52
C GLN A 274 -16.28 -9.39 12.29
N GLN A 275 -15.84 -7.69 12.22
N GLN A 275 -15.73 -8.20 12.09
CA GLN A 275 -16.40 -6.55 11.53
CA GLN A 275 -16.37 -7.15 11.30
C GLN A 275 -15.46 -6.19 10.38
C GLN A 275 -15.38 -6.68 10.24
N TRP A 276 -16.04 -5.75 9.26
N TRP A 276 -15.92 -6.12 9.16
CA TRP A 276 -15.23 -5.45 8.07
CA TRP A 276 -15.08 -5.70 8.05
C TRP A 276 -14.22 -4.36 8.36
C TRP A 276 -14.04 -4.67 8.48
N GLY A 277 -14.56 -3.41 9.22
N GLY A 277 -14.38 -3.82 9.46
CA GLY A 277 -13.64 -2.35 9.55
CA GLY A 277 -13.52 -2.77 9.91
C GLY A 277 -12.43 -2.79 10.33
C GLY A 277 -12.38 -3.18 10.84
N ASP A 278 -12.44 -4.00 10.88
N ASP A 278 -12.26 -4.45 11.17
CA ASP A 278 -11.28 -4.47 11.64
CA ASP A 278 -11.12 -4.92 11.97
C ASP A 278 -10.08 -4.60 10.72
C ASP A 278 -9.91 -5.03 11.05
N TRP A 279 -8.94 -4.12 11.21
CA TRP A 279 -7.79 -3.97 10.33
C TRP A 279 -6.47 -4.32 10.99
N CYS A 280 -6.42 -4.46 12.31
CA CYS A 280 -5.15 -4.46 13.03
C CYS A 280 -4.67 -5.89 13.30
N ASN A 281 -3.57 -6.27 12.65
CA ASN A 281 -2.89 -7.55 12.90
C ASN A 281 -3.86 -8.72 12.94
N ILE A 282 -4.69 -8.79 11.91
N ILE A 282 -4.62 -8.95 11.86
CA ILE A 282 -5.83 -9.69 11.95
CA ILE A 282 -5.68 -9.97 11.94
C ILE A 282 -5.32 -11.11 12.08
C ILE A 282 -5.10 -11.37 12.04
N LYS A 283 -5.80 -11.78 13.12
N LYS A 283 -5.60 -12.15 13.02
CA LYS A 283 -5.23 -13.04 13.56
CA LYS A 283 -5.08 -13.49 13.29
C LYS A 283 -5.51 -14.16 12.57
C LYS A 283 -5.48 -14.49 12.22
N GLY A 284 -4.47 -14.91 12.22
N GLY A 284 -4.58 -15.42 11.94
CA GLY A 284 -4.60 -16.02 11.30
CA GLY A 284 -4.83 -16.42 10.94
C GLY A 284 -4.46 -15.68 9.84
C GLY A 284 -4.65 -15.93 9.52
N ALA A 285 -4.10 -14.44 9.49
N ALA A 285 -4.30 -14.66 9.35
CA ALA A 285 -3.93 -14.12 8.08
CA ALA A 285 -3.99 -14.14 8.03
C ALA A 285 -2.82 -14.97 7.47
C ALA A 285 -2.81 -14.91 7.45
N GLY A 286 -2.92 -15.20 6.16
CA GLY A 286 -1.87 -15.89 5.44
C GLY A 286 -1.45 -15.09 4.22
N PHE A 287 -0.20 -15.30 3.80
CA PHE A 287 0.24 -14.71 2.53
C PHE A 287 -0.71 -15.16 1.41
N GLY A 288 -1.05 -14.23 0.51
CA GLY A 288 -1.97 -14.52 -0.56
C GLY A 288 -1.31 -14.69 -1.91
N THR A 289 -2.11 -14.50 -2.95
CA THR A 289 -1.65 -14.68 -4.32
C THR A 289 -0.37 -13.89 -4.57
N ARG A 290 0.62 -14.54 -5.16
N ARG A 290 0.62 -14.55 -5.17
CA ARG A 290 1.89 -13.86 -5.37
CA ARG A 290 1.89 -13.90 -5.45
C ARG A 290 1.75 -12.83 -6.49
C ARG A 290 1.70 -12.79 -6.47
N PRO A 291 2.53 -11.75 -6.43
CA PRO A 291 2.43 -10.70 -7.45
C PRO A 291 2.53 -11.26 -8.86
N THR A 292 1.68 -10.73 -9.74
CA THR A 292 1.58 -11.19 -11.11
C THR A 292 0.76 -10.18 -11.91
N THR A 293 1.12 -10.05 -13.19
CA THR A 293 0.29 -9.31 -14.13
C THR A 293 -0.81 -10.17 -14.75
N ASN A 294 -0.92 -11.44 -14.37
CA ASN A 294 -2.05 -12.28 -14.78
C ASN A 294 -3.15 -12.08 -13.74
N THR A 295 -3.99 -11.08 -13.95
CA THR A 295 -4.81 -10.54 -12.88
C THR A 295 -6.28 -10.96 -12.96
N GLY A 296 -6.74 -11.44 -14.10
CA GLY A 296 -8.14 -11.82 -14.24
C GLY A 296 -9.09 -10.68 -14.52
N SER A 297 -8.59 -9.47 -14.79
CA SER A 297 -9.47 -8.33 -15.00
C SER A 297 -8.85 -7.32 -15.95
N GLN A 298 -9.69 -6.80 -16.87
CA GLN A 298 -9.25 -5.77 -17.79
C GLN A 298 -8.71 -4.55 -17.05
N PHE A 299 -9.19 -4.30 -15.84
CA PHE A 299 -8.85 -3.07 -15.14
C PHE A 299 -7.58 -3.19 -14.32
N ILE A 300 -7.04 -4.39 -14.12
CA ILE A 300 -6.01 -4.60 -13.11
C ILE A 300 -4.69 -4.92 -13.82
N ASP A 301 -3.71 -4.02 -13.64
CA ASP A 301 -2.37 -4.19 -14.19
C ASP A 301 -1.57 -5.25 -13.44
N SER A 302 -1.74 -5.33 -12.12
CA SER A 302 -0.96 -6.29 -11.36
C SER A 302 -1.62 -6.56 -10.02
N ILE A 303 -1.53 -7.83 -9.61
CA ILE A 303 -1.61 -8.17 -8.19
C ILE A 303 -0.25 -7.87 -7.60
N VAL A 304 -0.22 -7.26 -6.41
CA VAL A 304 1.01 -6.79 -5.81
C VAL A 304 0.99 -7.13 -4.32
N TRP A 305 2.17 -7.03 -3.69
CA TRP A 305 2.29 -7.10 -2.23
C TRP A 305 2.79 -5.73 -1.78
N VAL A 306 1.87 -4.93 -1.25
CA VAL A 306 2.20 -3.56 -0.87
C VAL A 306 2.56 -3.51 0.61
N LYS A 307 1.63 -3.87 1.48
CA LYS A 307 1.98 -3.99 2.90
C LYS A 307 2.85 -5.22 3.10
N PRO A 308 4.03 -5.08 3.71
CA PRO A 308 4.93 -6.24 3.84
C PRO A 308 4.51 -7.06 5.04
N GLY A 309 4.03 -8.28 4.78
CA GLY A 309 3.52 -9.13 5.82
C GLY A 309 4.58 -9.45 6.85
N GLY A 310 4.26 -9.25 8.14
CA GLY A 310 5.22 -9.33 9.22
C GLY A 310 5.48 -8.00 9.88
N GLU A 311 5.27 -6.90 9.15
CA GLU A 311 5.36 -5.58 9.77
C GLU A 311 4.02 -5.24 10.39
N SER A 312 4.03 -4.91 11.68
CA SER A 312 2.81 -4.70 12.44
C SER A 312 1.95 -3.57 11.86
N ASP A 313 0.64 -3.68 12.07
CA ASP A 313 -0.28 -2.60 11.76
C ASP A 313 -0.43 -1.60 12.90
N GLY A 314 0.02 -1.94 14.09
CA GLY A 314 -0.25 -1.12 15.24
C GLY A 314 0.02 -1.87 16.53
N THR A 315 0.40 -1.11 17.55
CA THR A 315 0.67 -1.69 18.85
C THR A 315 -0.61 -2.07 19.58
N SER A 316 -0.54 -3.14 20.36
CA SER A 316 -1.63 -3.52 21.26
C SER A 316 -1.42 -3.00 22.67
N ASN A 317 -0.37 -2.22 22.91
CA ASN A 317 -0.09 -1.71 24.24
C ASN A 317 -0.85 -0.40 24.45
N SER A 318 -1.83 -0.43 25.35
CA SER A 318 -2.71 0.72 25.55
C SER A 318 -2.02 1.89 26.24
N SER A 319 -0.76 1.74 26.66
CA SER A 319 0.00 2.88 27.16
C SER A 319 0.66 3.68 26.04
N SER A 320 0.72 3.16 24.83
CA SER A 320 1.39 3.89 23.76
C SER A 320 0.51 5.04 23.28
N PRO A 321 1.12 6.19 22.93
CA PRO A 321 0.33 7.27 22.31
C PRO A 321 -0.20 6.89 20.94
N ARG A 322 0.25 5.78 20.35
CA ARG A 322 -0.23 5.31 19.07
C ARG A 322 -1.17 4.12 19.22
N TYR A 323 -1.79 3.96 20.38
CA TYR A 323 -2.66 2.80 20.59
C TYR A 323 -4.04 3.03 19.99
N ASP A 324 -4.47 2.09 19.14
N ASP A 324 -4.46 2.08 19.17
CA ASP A 324 -5.83 1.99 18.62
CA ASP A 324 -5.85 1.93 18.77
C ASP A 324 -6.46 0.72 19.19
C ASP A 324 -6.42 0.71 19.48
N SER A 325 -7.64 0.85 19.81
N SER A 325 -7.56 0.89 20.14
CA SER A 325 -8.23 -0.32 20.46
CA SER A 325 -8.13 -0.18 20.96
C SER A 325 -8.61 -1.42 19.48
C SER A 325 -8.53 -1.41 20.15
N THR A 326 -8.69 -1.12 18.17
N THR A 326 -8.75 -1.27 18.84
CA THR A 326 -8.85 -2.18 17.18
CA THR A 326 -9.10 -2.44 18.03
C THR A 326 -7.79 -3.25 17.32
C THR A 326 -7.93 -3.41 17.88
N CYS A 327 -6.68 -2.93 17.98
CA CYS A 327 -5.53 -3.82 18.04
C CYS A 327 -5.56 -4.77 19.24
N SER A 328 -6.60 -4.66 20.08
N SER A 328 -6.58 -4.68 20.11
CA SER A 328 -6.81 -5.56 21.20
CA SER A 328 -6.65 -5.53 21.30
C SER A 328 -8.08 -6.39 21.03
C SER A 328 -7.87 -6.43 21.32
N LEU A 329 -8.73 -6.34 19.87
N LEU A 329 -8.55 -6.58 20.19
CA LEU A 329 -9.94 -7.12 19.60
CA LEU A 329 -9.83 -7.26 20.09
C LEU A 329 -9.63 -8.61 19.54
C LEU A 329 -9.63 -8.72 19.69
N PRO A 330 -10.62 -9.48 19.76
N PRO A 330 -10.73 -9.53 19.67
CA PRO A 330 -10.38 -10.93 19.64
CA PRO A 330 -10.56 -10.98 19.45
C PRO A 330 -9.83 -11.36 18.29
C PRO A 330 -9.73 -11.38 18.23
N ASP A 331 -10.03 -10.57 17.23
N ASP A 331 -10.10 -10.91 17.04
CA ASP A 331 -9.47 -10.89 15.93
CA ASP A 331 -9.39 -11.35 15.84
C ASP A 331 -8.14 -10.20 15.65
C ASP A 331 -8.05 -10.67 15.66
N ALA A 332 -7.51 -9.60 16.67
N ALA A 332 -7.59 -9.85 16.60
CA ALA A 332 -6.19 -8.98 16.53
CA ALA A 332 -6.29 -9.20 16.50
C ALA A 332 -5.16 -9.81 17.29
C ALA A 332 -5.25 -10.03 17.23
N ALA A 333 -4.07 -10.18 16.62
CA ALA A 333 -3.01 -10.95 17.24
C ALA A 333 -2.27 -10.10 18.27
N GLN A 334 -2.12 -10.63 19.48
CA GLN A 334 -1.59 -9.89 20.61
C GLN A 334 -0.61 -10.74 21.40
N PRO A 335 0.38 -10.12 22.05
CA PRO A 335 0.72 -8.69 22.00
C PRO A 335 1.38 -8.34 20.67
N ALA A 336 1.18 -7.11 20.19
CA ALA A 336 1.69 -6.65 18.91
C ALA A 336 2.53 -5.39 19.12
N PRO A 337 3.60 -5.23 18.34
CA PRO A 337 4.47 -4.06 18.49
C PRO A 337 3.99 -2.88 17.64
N GLU A 338 4.73 -1.76 17.72
CA GLU A 338 4.35 -0.54 17.01
C GLU A 338 4.23 -0.76 15.51
N ALA A 339 3.31 0.00 14.90
CA ALA A 339 3.10 -0.08 13.46
C ALA A 339 4.40 0.07 12.71
N GLY A 340 4.60 -0.80 11.72
CA GLY A 340 5.79 -0.82 10.90
C GLY A 340 6.92 -1.69 11.44
N THR A 341 6.91 -1.99 12.73
CA THR A 341 7.99 -2.80 13.29
C THR A 341 7.68 -4.29 13.15
N TRP A 342 8.72 -5.11 13.24
CA TRP A 342 8.59 -6.52 12.95
C TRP A 342 7.82 -7.26 14.03
N PHE A 343 6.91 -8.13 13.59
CA PHE A 343 6.04 -8.92 14.46
C PHE A 343 6.29 -10.39 14.10
N GLN A 344 7.26 -11.00 14.78
CA GLN A 344 7.78 -12.30 14.34
C GLN A 344 6.70 -13.39 14.32
N ALA A 345 5.92 -13.51 15.40
CA ALA A 345 4.93 -14.58 15.44
C ALA A 345 3.90 -14.43 14.34
N TYR A 346 3.56 -13.18 13.99
CA TYR A 346 2.61 -12.92 12.92
C TYR A 346 3.17 -13.33 11.58
N PHE A 347 4.44 -13.02 11.33
CA PHE A 347 5.11 -13.48 10.12
C PHE A 347 5.10 -15.00 10.03
N GLN A 348 5.43 -15.69 11.13
N GLN A 348 5.42 -15.66 11.14
CA GLN A 348 5.46 -17.15 11.03
CA GLN A 348 5.46 -17.11 11.18
C GLN A 348 4.08 -17.70 10.67
C GLN A 348 4.14 -17.72 10.73
N THR A 349 3.02 -17.12 11.23
N THR A 349 3.02 -17.16 11.19
CA THR A 349 1.67 -17.56 10.87
CA THR A 349 1.72 -17.69 10.78
C THR A 349 1.37 -17.27 9.40
C THR A 349 1.37 -17.30 9.35
N LEU A 350 1.77 -16.11 8.89
CA LEU A 350 1.56 -15.78 7.49
C LEU A 350 2.20 -16.82 6.59
N VAL A 351 3.39 -17.30 6.96
CA VAL A 351 4.07 -18.35 6.20
C VAL A 351 3.30 -19.66 6.29
N SER A 352 2.94 -20.07 7.51
N SER A 352 2.94 -20.06 7.52
CA SER A 352 2.25 -21.32 7.72
CA SER A 352 2.25 -21.33 7.71
C SER A 352 0.92 -21.36 6.97
C SER A 352 0.92 -21.36 6.97
N ALA A 353 0.20 -20.24 6.98
CA ALA A 353 -1.14 -20.17 6.41
C ALA A 353 -1.17 -19.66 4.98
N ALA A 354 -0.01 -19.57 4.31
CA ALA A 354 0.02 -19.05 2.95
C ALA A 354 -0.91 -19.84 2.05
N ASN A 355 -1.63 -19.11 1.20
N ASN A 355 -1.67 -19.11 1.22
CA ASN A 355 -2.53 -19.72 0.25
CA ASN A 355 -2.56 -19.73 0.25
C ASN A 355 -2.51 -18.88 -1.01
C ASN A 355 -2.55 -18.89 -1.02
N PRO A 356 -1.97 -19.39 -2.12
CA PRO A 356 -1.41 -20.74 -2.31
C PRO A 356 -0.20 -21.03 -1.41
N PRO A 357 0.05 -22.30 -1.11
CA PRO A 357 1.17 -22.62 -0.24
C PRO A 357 2.49 -22.14 -0.83
N LEU A 358 3.42 -21.83 0.05
CA LEU A 358 4.78 -21.49 -0.38
C LEU A 358 5.52 -22.77 -0.77
C1 IDC B . 2.21 1.40 8.09
C2 IDC B . 3.22 1.88 9.08
C3 IDC B . 4.51 2.22 8.40
C4 IDC B . 5.04 1.07 7.57
C5 IDC B . 3.95 0.46 6.69
C6 IDC B . 4.36 -0.85 6.09
O2 IDC B . 2.70 3.07 9.72
O3 IDC B . 5.49 2.60 9.39
O4 IDC B . 6.08 1.56 6.73
O5 IDC B . 2.76 0.18 7.50
O6 IDC B . 4.51 -1.83 7.09
C1B IDC B . -2.90 1.30 8.45
C2B IDC B . -2.38 -0.16 8.26
C3B IDC B . -0.95 -0.18 8.63
C4B IDC B . -0.08 0.82 7.89
C5B IDC B . -0.69 2.16 7.59
C6B IDC B . -0.84 2.39 6.04
O2B IDC B . -3.17 -0.97 9.16
O3B IDC B . -0.39 -1.47 8.33
O1 IDC B . 1.07 1.02 8.77
N1B IDC B . -2.09 2.37 8.17
O6B IDC B . -1.54 1.30 5.48
N2B IDC B . -4.06 1.76 8.91
C7B IDC B . -4.02 3.12 8.89
C8B IDC B . -2.76 3.48 8.41
#